data_5UFX
#
_entry.id   5UFX
#
_cell.length_a   102.722
_cell.length_b   58.015
_cell.length_c   87.834
_cell.angle_alpha   90.00
_cell.angle_beta   102.89
_cell.angle_gamma   90.00
#
_symmetry.space_group_name_H-M   'C 1 2 1'
#
loop_
_entity.id
_entity.type
_entity.pdbx_description
1 polymer 'Estrogen receptor'
2 non-polymer (2S)-3-(4-hydroxyphenyl)-4-methyl-2-(4-{2-[(3R)-3-methylpyrrolidin-1-yl]ethoxy}phenyl)-2H-1-benzopyran-7-ol
3 water water
#
_entity_poly.entity_id   1
_entity_poly.type   'polypeptide(L)'
_entity_poly.pdbx_seq_one_letter_code
;LALSLTADQMVSALLDAEPPILYSEYDPTRPFSEASMMGLLTNLADRELVHMINWAKRVPGFVDLTLHDQVHLLESAWLE
ILMIGLVWRSMEHPGKLLFAPNLLLDRNQGKSVEGMVEIFDMLLATSSRFRMMNLQGEEFVCLKSIILLNSGVYTFLSST
LKSLEEKDHIHRVLDKITDTLIHLMAKAGLTLQQQHQRLAQLLLILSHIRHMSNKGMEHLYSMKSKNVVPSYDLLLEMLD
AHRLHAPTS
;
_entity_poly.pdbx_strand_id   A,B
#
loop_
_chem_comp.id
_chem_comp.type
_chem_comp.name
_chem_comp.formula
86Y non-polymer (2S)-3-(4-hydroxyphenyl)-4-methyl-2-(4-{2-[(3R)-3-methylpyrrolidin-1-yl]ethoxy}phenyl)-2H-1-benzopyran-7-ol 'C29 H31 N O4'
#
# COMPACT_ATOMS: atom_id res chain seq x y z
N SER A 4 23.50 -12.51 -4.93
CA SER A 4 24.95 -12.38 -4.85
C SER A 4 25.40 -11.07 -5.50
N LEU A 5 24.44 -10.35 -6.07
CA LEU A 5 24.71 -9.06 -6.68
C LEU A 5 25.10 -8.00 -5.65
N THR A 6 26.00 -7.12 -6.04
CA THR A 6 26.24 -5.92 -5.26
C THR A 6 25.15 -4.91 -5.57
N ALA A 7 25.06 -3.87 -4.75
CA ALA A 7 24.11 -2.80 -4.98
C ALA A 7 24.31 -2.17 -6.36
N ASP A 8 25.55 -1.94 -6.76
CA ASP A 8 25.81 -1.34 -8.06
C ASP A 8 25.36 -2.25 -9.20
N GLN A 9 25.61 -3.55 -9.05
CA GLN A 9 25.21 -4.53 -10.04
C GLN A 9 23.69 -4.63 -10.13
N MET A 10 23.02 -4.55 -8.99
CA MET A 10 21.56 -4.54 -8.98
C MET A 10 21.03 -3.34 -9.77
N VAL A 11 21.56 -2.15 -9.51
CA VAL A 11 21.09 -0.93 -10.22
C VAL A 11 21.30 -1.08 -11.71
N SER A 12 22.48 -1.52 -12.09
CA SER A 12 22.81 -1.66 -13.49
C SER A 12 21.89 -2.66 -14.18
N ALA A 13 21.63 -3.77 -13.51
CA ALA A 13 20.75 -4.78 -14.08
C ALA A 13 19.35 -4.21 -14.33
N LEU A 14 18.83 -3.48 -13.35
CA LEU A 14 17.48 -2.96 -13.44
C LEU A 14 17.38 -1.90 -14.54
N LEU A 15 18.38 -1.03 -14.62
CA LEU A 15 18.37 -0.01 -15.65
C LEU A 15 18.43 -0.64 -17.05
N ASP A 16 19.23 -1.69 -17.20
CA ASP A 16 19.38 -2.29 -18.52
C ASP A 16 18.12 -3.08 -18.90
N ALA A 17 17.32 -3.41 -17.89
CA ALA A 17 16.08 -4.17 -18.07
C ALA A 17 14.91 -3.30 -18.51
N GLU A 18 15.08 -1.98 -18.45
CA GLU A 18 13.96 -1.06 -18.66
C GLU A 18 13.31 -1.26 -20.04
N PRO A 19 11.97 -1.37 -20.06
CA PRO A 19 11.23 -1.47 -21.32
C PRO A 19 11.25 -0.16 -22.06
N PRO A 20 10.96 -0.20 -23.36
CA PRO A 20 10.87 1.04 -24.14
C PRO A 20 9.58 1.81 -23.92
N ILE A 21 9.61 3.08 -24.31
CA ILE A 21 8.42 3.90 -24.27
C ILE A 21 7.71 3.74 -25.62
N LEU A 22 6.45 3.32 -25.57
CA LEU A 22 5.69 3.01 -26.77
C LEU A 22 4.86 4.20 -27.24
N TYR A 23 4.47 4.18 -28.51
CA TYR A 23 3.67 5.25 -29.08
C TYR A 23 2.24 4.83 -29.34
N SER A 24 1.34 5.81 -29.38
CA SER A 24 -0.01 5.60 -29.86
C SER A 24 -0.01 5.74 -31.39
N GLU A 25 -1.07 5.32 -32.05
CA GLU A 25 -1.08 5.38 -33.52
C GLU A 25 -1.01 6.82 -34.05
N TYR A 26 -0.28 7.01 -35.16
CA TYR A 26 -0.24 8.30 -35.83
C TYR A 26 -1.10 8.31 -37.07
N ASP A 27 -1.84 9.40 -37.24
CA ASP A 27 -2.65 9.66 -38.42
C ASP A 27 -3.08 11.12 -38.43
N PRO A 28 -2.38 11.96 -39.22
CA PRO A 28 -2.75 13.38 -39.22
C PRO A 28 -4.10 13.62 -39.91
N PRO A 31 -8.20 13.74 -36.37
CA PRO A 31 -7.98 14.36 -35.05
C PRO A 31 -8.32 13.43 -33.89
N PHE A 32 -7.73 13.69 -32.72
CA PHE A 32 -8.05 12.95 -31.51
C PHE A 32 -9.52 13.14 -31.13
N SER A 33 -10.18 12.06 -30.72
CA SER A 33 -11.57 12.20 -30.25
C SER A 33 -11.77 11.57 -28.89
N GLU A 34 -12.67 12.15 -28.10
CA GLU A 34 -12.98 11.65 -26.77
C GLU A 34 -13.46 10.21 -26.86
N ALA A 35 -14.34 9.96 -27.83
CA ALA A 35 -14.93 8.63 -28.02
C ALA A 35 -13.87 7.54 -28.23
N SER A 36 -12.71 7.89 -28.78
CA SER A 36 -11.74 6.86 -29.11
C SER A 36 -10.69 6.66 -28.02
N MET A 37 -10.80 7.46 -26.97
CA MET A 37 -9.77 7.53 -25.95
C MET A 37 -9.52 6.18 -25.25
N MET A 38 -10.58 5.55 -24.74
CA MET A 38 -10.41 4.25 -24.06
C MET A 38 -9.81 3.19 -24.97
N GLY A 39 -10.20 3.19 -26.23
CA GLY A 39 -9.60 2.26 -27.19
C GLY A 39 -8.10 2.46 -27.32
N LEU A 40 -7.65 3.70 -27.38
CA LEU A 40 -6.22 3.98 -27.50
C LEU A 40 -5.48 3.57 -26.24
N LEU A 41 -6.10 3.82 -25.09
CA LEU A 41 -5.45 3.49 -23.81
C LEU A 41 -5.33 1.98 -23.65
N THR A 42 -6.40 1.26 -23.96
CA THR A 42 -6.38 -0.20 -23.93
C THR A 42 -5.31 -0.76 -24.87
N ASN A 43 -5.18 -0.15 -26.05
CA ASN A 43 -4.21 -0.68 -27.00
C ASN A 43 -2.79 -0.50 -26.48
N LEU A 44 -2.53 0.65 -25.84
CA LEU A 44 -1.22 0.89 -25.25
C LEU A 44 -0.95 -0.03 -24.07
N ALA A 45 -1.94 -0.18 -23.19
CA ALA A 45 -1.75 -1.01 -22.00
C ALA A 45 -1.41 -2.42 -22.42
N ASP A 46 -2.12 -2.92 -23.43
CA ASP A 46 -1.92 -4.28 -23.87
C ASP A 46 -0.53 -4.47 -24.47
N ARG A 47 -0.05 -3.50 -25.23
CA ARG A 47 1.30 -3.61 -25.78
C ARG A 47 2.37 -3.47 -24.69
N GLU A 48 2.12 -2.59 -23.73
CA GLU A 48 3.05 -2.45 -22.61
C GLU A 48 3.19 -3.74 -21.81
N LEU A 49 2.09 -4.47 -21.69
CA LEU A 49 2.11 -5.72 -20.91
C LEU A 49 3.14 -6.71 -21.47
N VAL A 50 3.24 -6.81 -22.79
CA VAL A 50 4.18 -7.76 -23.39
C VAL A 50 5.62 -7.40 -23.01
N HIS A 51 5.93 -6.11 -23.05
CA HIS A 51 7.26 -5.68 -22.64
C HIS A 51 7.47 -5.85 -21.15
N MET A 52 6.38 -5.70 -20.38
CA MET A 52 6.47 -5.89 -18.94
C MET A 52 6.92 -7.31 -18.57
N ILE A 53 6.44 -8.30 -19.31
CA ILE A 53 6.80 -9.68 -18.98
C ILE A 53 8.29 -9.90 -19.26
N ASN A 54 8.82 -9.32 -20.33
N ASN A 54 8.77 -9.33 -20.37
CA ASN A 54 10.24 -9.49 -20.60
CA ASN A 54 10.19 -9.41 -20.69
C ASN A 54 11.10 -8.72 -19.63
C ASN A 54 11.02 -8.77 -19.58
N TRP A 55 10.57 -7.60 -19.14
CA TRP A 55 11.24 -6.86 -18.08
C TRP A 55 11.30 -7.69 -16.80
N ALA A 56 10.17 -8.29 -16.43
CA ALA A 56 10.09 -9.02 -15.17
C ALA A 56 11.10 -10.15 -15.14
N LYS A 57 11.25 -10.83 -16.26
CA LYS A 57 12.18 -11.94 -16.35
C LYS A 57 13.64 -11.50 -16.18
N ARG A 58 13.89 -10.20 -16.28
CA ARG A 58 15.24 -9.67 -16.10
C ARG A 58 15.44 -9.04 -14.71
N VAL A 59 14.39 -8.99 -13.89
CA VAL A 59 14.55 -8.52 -12.53
C VAL A 59 15.26 -9.61 -11.75
N PRO A 60 16.43 -9.28 -11.16
CA PRO A 60 17.21 -10.32 -10.47
C PRO A 60 16.38 -11.14 -9.48
N GLY A 61 16.44 -12.47 -9.63
CA GLY A 61 15.76 -13.38 -8.73
C GLY A 61 14.36 -13.82 -9.17
N PHE A 62 13.80 -13.09 -10.12
CA PHE A 62 12.44 -13.39 -10.54
C PHE A 62 12.33 -14.74 -11.24
N VAL A 63 13.22 -15.04 -12.20
CA VAL A 63 13.08 -16.35 -12.88
C VAL A 63 13.61 -17.52 -12.05
N ASP A 64 14.09 -17.24 -10.85
CA ASP A 64 14.44 -18.31 -9.91
C ASP A 64 13.19 -18.93 -9.31
N LEU A 65 12.08 -18.20 -9.38
CA LEU A 65 10.78 -18.66 -8.89
C LEU A 65 10.13 -19.66 -9.83
N THR A 66 9.18 -20.44 -9.33
CA THR A 66 8.38 -21.30 -10.20
C THR A 66 7.59 -20.43 -11.19
N LEU A 67 7.28 -21.00 -12.35
CA LEU A 67 6.42 -20.33 -13.32
CA LEU A 67 6.46 -20.28 -13.31
C LEU A 67 5.10 -19.92 -12.70
N HIS A 68 4.52 -20.84 -11.92
CA HIS A 68 3.28 -20.60 -11.21
C HIS A 68 3.35 -19.33 -10.34
N ASP A 69 4.43 -19.19 -9.59
CA ASP A 69 4.55 -18.03 -8.71
C ASP A 69 4.90 -16.77 -9.51
N GLN A 70 5.63 -16.91 -10.61
CA GLN A 70 5.86 -15.75 -11.49
C GLN A 70 4.52 -15.21 -11.96
N VAL A 71 3.63 -16.10 -12.37
CA VAL A 71 2.33 -15.70 -12.86
C VAL A 71 1.56 -14.99 -11.76
N HIS A 72 1.57 -15.57 -10.56
CA HIS A 72 0.84 -14.98 -9.45
C HIS A 72 1.32 -13.55 -9.14
N LEU A 73 2.65 -13.38 -9.13
CA LEU A 73 3.20 -12.05 -8.86
C LEU A 73 2.75 -11.05 -9.94
N LEU A 74 2.80 -11.43 -11.22
CA LEU A 74 2.34 -10.51 -12.26
C LEU A 74 0.84 -10.27 -12.23
N GLU A 75 0.05 -11.30 -11.90
CA GLU A 75 -1.39 -11.12 -11.72
C GLU A 75 -1.70 -10.04 -10.69
N SER A 76 -0.94 -10.06 -9.60
N SER A 76 -0.93 -10.04 -9.60
CA SER A 76 -1.14 -9.11 -8.54
CA SER A 76 -1.15 -9.09 -8.53
C SER A 76 -0.67 -7.72 -8.92
C SER A 76 -0.62 -7.70 -8.83
N ALA A 77 0.49 -7.64 -9.57
CA ALA A 77 1.20 -6.37 -9.75
C ALA A 77 1.00 -5.64 -11.07
N TRP A 78 0.39 -6.24 -12.09
CA TRP A 78 0.52 -5.69 -13.44
C TRP A 78 -0.01 -4.24 -13.57
N LEU A 79 -1.13 -3.94 -12.92
CA LEU A 79 -1.70 -2.60 -13.06
C LEU A 79 -0.90 -1.60 -12.24
N GLU A 80 -0.44 -2.00 -11.06
CA GLU A 80 0.47 -1.16 -10.30
C GLU A 80 1.72 -0.81 -11.11
N ILE A 81 2.27 -1.79 -11.80
CA ILE A 81 3.47 -1.54 -12.63
C ILE A 81 3.15 -0.62 -13.83
N LEU A 82 2.01 -0.83 -14.48
CA LEU A 82 1.60 0.10 -15.53
C LEU A 82 1.47 1.51 -14.97
N MET A 83 0.89 1.62 -13.79
CA MET A 83 0.65 2.93 -13.23
C MET A 83 1.95 3.63 -12.86
N ILE A 84 2.87 2.96 -12.16
CA ILE A 84 4.06 3.65 -11.71
C ILE A 84 4.88 4.04 -12.95
N GLY A 85 4.85 3.21 -14.00
CA GLY A 85 5.49 3.57 -15.25
C GLY A 85 4.91 4.84 -15.84
N LEU A 86 3.59 4.94 -15.82
CA LEU A 86 2.90 6.09 -16.37
C LEU A 86 3.24 7.34 -15.58
N VAL A 87 3.25 7.23 -14.26
CA VAL A 87 3.53 8.36 -13.39
C VAL A 87 4.98 8.83 -13.63
N TRP A 88 5.89 7.88 -13.76
CA TRP A 88 7.29 8.21 -14.01
C TRP A 88 7.46 9.01 -15.32
N ARG A 89 6.88 8.53 -16.41
CA ARG A 89 7.07 9.28 -17.64
C ARG A 89 6.23 10.55 -17.69
N SER A 90 5.31 10.72 -16.75
CA SER A 90 4.54 11.96 -16.65
C SER A 90 5.16 12.99 -15.74
N MET A 91 6.21 12.61 -15.02
CA MET A 91 6.74 13.42 -13.92
C MET A 91 7.12 14.83 -14.34
N GLU A 92 7.68 14.96 -15.54
N GLU A 92 7.68 14.97 -15.54
CA GLU A 92 8.18 16.27 -15.99
CA GLU A 92 8.17 16.28 -15.96
C GLU A 92 7.12 17.10 -16.70
C GLU A 92 7.15 17.04 -16.78
N HIS A 93 5.89 16.63 -16.67
CA HIS A 93 4.78 17.30 -17.37
C HIS A 93 3.64 17.64 -16.41
N PRO A 94 3.78 18.73 -15.65
CA PRO A 94 2.75 19.07 -14.66
C PRO A 94 1.35 19.15 -15.25
N GLY A 95 0.38 18.48 -14.62
CA GLY A 95 -1.01 18.56 -15.05
C GLY A 95 -1.40 17.57 -16.15
N LYS A 96 -0.44 16.76 -16.60
CA LYS A 96 -0.72 15.87 -17.73
C LYS A 96 -0.24 14.45 -17.49
N LEU A 97 -0.93 13.49 -18.10
CA LEU A 97 -0.51 12.11 -18.07
C LEU A 97 0.01 11.72 -19.44
N LEU A 98 1.28 11.35 -19.48
CA LEU A 98 1.94 11.03 -20.74
C LEU A 98 1.75 9.54 -21.02
N PHE A 99 0.56 9.17 -21.49
CA PHE A 99 0.31 7.77 -21.83
C PHE A 99 1.26 7.33 -22.93
N ALA A 100 1.49 8.22 -23.89
CA ALA A 100 2.53 8.03 -24.90
C ALA A 100 3.02 9.42 -25.25
N PRO A 101 4.19 9.52 -25.90
CA PRO A 101 4.66 10.87 -26.26
C PRO A 101 3.68 11.62 -27.16
N ASN A 102 2.89 10.88 -27.93
CA ASN A 102 1.83 11.49 -28.74
C ASN A 102 0.42 11.26 -28.17
N LEU A 103 0.36 11.00 -26.88
CA LEU A 103 -0.91 10.89 -26.18
C LEU A 103 -0.78 11.42 -24.75
N LEU A 104 -0.81 12.75 -24.67
CA LEU A 104 -0.60 13.47 -23.44
C LEU A 104 -1.94 14.06 -23.05
N LEU A 105 -2.49 13.56 -21.95
CA LEU A 105 -3.88 13.84 -21.58
C LEU A 105 -4.01 14.60 -20.27
N ASP A 106 -4.97 15.51 -20.22
CA ASP A 106 -5.23 16.24 -18.99
C ASP A 106 -6.53 15.80 -18.33
N ARG A 107 -6.76 16.37 -17.16
CA ARG A 107 -7.94 16.13 -16.36
C ARG A 107 -9.27 16.23 -17.11
N ASN A 108 -9.39 17.26 -17.92
CA ASN A 108 -10.65 17.52 -18.60
C ASN A 108 -10.95 16.45 -19.64
N GLN A 109 -9.90 15.97 -20.29
CA GLN A 109 -10.07 14.88 -21.26
C GLN A 109 -10.48 13.62 -20.53
N GLY A 110 -10.01 13.46 -19.29
CA GLY A 110 -10.40 12.34 -18.46
C GLY A 110 -11.89 12.29 -18.21
N LYS A 111 -12.51 13.47 -18.09
CA LYS A 111 -13.94 13.60 -17.78
C LYS A 111 -14.86 12.90 -18.78
N SER A 112 -14.38 12.68 -20.00
CA SER A 112 -15.22 12.15 -21.07
C SER A 112 -15.66 10.71 -20.79
N VAL A 113 -14.91 10.02 -19.95
CA VAL A 113 -15.20 8.65 -19.59
C VAL A 113 -15.68 8.61 -18.14
N GLU A 114 -16.87 8.05 -17.92
CA GLU A 114 -17.44 8.01 -16.57
C GLU A 114 -16.49 7.34 -15.59
N GLY A 115 -16.21 8.03 -14.50
CA GLY A 115 -15.40 7.49 -13.42
C GLY A 115 -13.90 7.62 -13.64
N MET A 116 -13.50 8.14 -14.80
CA MET A 116 -12.07 8.23 -15.15
C MET A 116 -11.33 9.36 -14.44
N VAL A 117 -11.99 10.51 -14.23
CA VAL A 117 -11.29 11.67 -13.68
C VAL A 117 -10.76 11.41 -12.26
N GLU A 118 -11.48 10.61 -11.46
CA GLU A 118 -11.02 10.26 -10.12
C GLU A 118 -9.67 9.55 -10.16
N ILE A 119 -9.52 8.65 -11.12
CA ILE A 119 -8.28 7.91 -11.21
C ILE A 119 -7.20 8.79 -11.84
N PHE A 120 -7.56 9.58 -12.85
CA PHE A 120 -6.60 10.54 -13.39
C PHE A 120 -6.03 11.42 -12.25
N ASP A 121 -6.90 11.89 -11.36
CA ASP A 121 -6.46 12.80 -10.31
C ASP A 121 -5.47 12.13 -9.35
N MET A 122 -5.73 10.87 -9.01
CA MET A 122 -4.78 10.14 -8.17
C MET A 122 -3.43 9.97 -8.87
N LEU A 123 -3.47 9.66 -10.16
CA LEU A 123 -2.24 9.49 -10.91
C LEU A 123 -1.47 10.81 -11.00
N LEU A 124 -2.18 11.90 -11.28
CA LEU A 124 -1.58 13.23 -11.33
C LEU A 124 -0.94 13.62 -9.99
N ALA A 125 -1.61 13.27 -8.89
CA ALA A 125 -1.10 13.51 -7.54
C ALA A 125 0.19 12.73 -7.28
N THR A 126 0.27 11.51 -7.80
CA THR A 126 1.47 10.71 -7.64
C THR A 126 2.63 11.33 -8.43
N SER A 127 2.33 11.80 -9.64
CA SER A 127 3.31 12.48 -10.47
C SER A 127 3.84 13.70 -9.75
N SER A 128 2.93 14.47 -9.14
CA SER A 128 3.34 15.65 -8.39
CA SER A 128 3.35 15.66 -8.39
C SER A 128 4.24 15.28 -7.21
N ARG A 129 3.93 14.18 -6.53
CA ARG A 129 4.74 13.74 -5.39
C ARG A 129 6.15 13.32 -5.85
N PHE A 130 6.25 12.60 -6.97
CA PHE A 130 7.55 12.26 -7.56
C PHE A 130 8.38 13.52 -7.78
N ARG A 131 7.70 14.51 -8.34
CA ARG A 131 8.34 15.76 -8.71
C ARG A 131 8.85 16.46 -7.45
N MET A 132 8.01 16.53 -6.42
CA MET A 132 8.43 17.24 -5.21
C MET A 132 9.56 16.50 -4.47
N MET A 133 9.66 15.19 -4.69
CA MET A 133 10.73 14.37 -4.10
C MET A 133 12.00 14.35 -4.96
N ASN A 134 11.88 14.86 -6.17
CA ASN A 134 12.93 14.75 -7.19
C ASN A 134 13.38 13.30 -7.34
N LEU A 135 12.41 12.43 -7.57
CA LEU A 135 12.68 11.00 -7.76
C LEU A 135 13.67 10.77 -8.91
N GLN A 136 14.67 9.93 -8.65
CA GLN A 136 15.71 9.63 -9.62
C GLN A 136 15.40 8.33 -10.33
N GLY A 137 15.87 8.20 -11.57
CA GLY A 137 15.59 7.00 -12.35
C GLY A 137 16.03 5.70 -11.66
N GLU A 138 17.17 5.77 -10.96
CA GLU A 138 17.70 4.62 -10.25
C GLU A 138 16.75 4.23 -9.13
N GLU A 139 16.17 5.23 -8.47
CA GLU A 139 15.21 4.96 -7.41
C GLU A 139 13.91 4.36 -7.99
N PHE A 140 13.46 4.92 -9.11
CA PHE A 140 12.27 4.42 -9.77
C PHE A 140 12.36 2.93 -10.13
N VAL A 141 13.46 2.50 -10.72
CA VAL A 141 13.53 1.11 -11.14
C VAL A 141 13.58 0.20 -9.90
N CYS A 142 14.14 0.66 -8.79
CA CYS A 142 14.07 -0.13 -7.55
C CYS A 142 12.63 -0.27 -7.06
N LEU A 143 11.90 0.84 -7.04
CA LEU A 143 10.51 0.82 -6.61
C LEU A 143 9.65 -0.10 -7.47
N LYS A 144 9.86 -0.09 -8.78
CA LYS A 144 9.06 -0.91 -9.68
C LYS A 144 9.34 -2.40 -9.43
N SER A 145 10.61 -2.75 -9.19
N SER A 145 10.61 -2.75 -9.16
CA SER A 145 10.95 -4.12 -8.86
CA SER A 145 10.99 -4.14 -8.86
C SER A 145 10.32 -4.56 -7.54
C SER A 145 10.45 -4.59 -7.49
N ILE A 146 10.34 -3.67 -6.55
CA ILE A 146 9.74 -3.98 -5.26
C ILE A 146 8.25 -4.32 -5.45
N ILE A 147 7.54 -3.54 -6.26
CA ILE A 147 6.12 -3.80 -6.50
C ILE A 147 5.94 -5.21 -7.08
N LEU A 148 6.77 -5.55 -8.05
CA LEU A 148 6.68 -6.86 -8.70
C LEU A 148 6.81 -8.00 -7.69
N LEU A 149 7.78 -7.87 -6.80
CA LEU A 149 8.08 -8.94 -5.85
C LEU A 149 7.16 -8.92 -4.63
N ASN A 150 6.68 -7.76 -4.24
CA ASN A 150 5.94 -7.64 -2.97
C ASN A 150 4.43 -7.74 -3.08
N SER A 151 3.86 -7.27 -4.19
CA SER A 151 2.42 -7.10 -4.21
C SER A 151 1.63 -8.40 -4.08
N GLY A 152 2.16 -9.50 -4.61
CA GLY A 152 1.44 -10.76 -4.54
C GLY A 152 1.92 -11.74 -3.49
N VAL A 153 2.91 -11.33 -2.69
CA VAL A 153 3.57 -12.25 -1.77
C VAL A 153 2.76 -12.60 -0.52
N TYR A 154 1.76 -11.78 -0.17
CA TYR A 154 0.93 -12.05 0.99
C TYR A 154 -0.32 -12.82 0.59
N THR A 155 -0.39 -13.23 -0.67
CA THR A 155 -1.58 -13.93 -1.14
C THR A 155 -1.29 -15.18 -2.00
N PHE A 156 -0.18 -15.86 -1.72
CA PHE A 156 0.12 -17.11 -2.41
C PHE A 156 -0.81 -18.22 -1.96
N THR A 160 3.99 -25.62 -1.25
CA THR A 160 3.94 -24.93 0.04
C THR A 160 5.23 -25.11 0.84
N LEU A 161 5.85 -26.28 0.76
CA LEU A 161 7.22 -26.38 1.20
C LEU A 161 7.99 -25.57 0.17
N LYS A 162 7.67 -25.81 -1.10
CA LYS A 162 8.17 -25.00 -2.19
C LYS A 162 7.82 -23.54 -1.96
N SER A 163 6.59 -23.28 -1.53
CA SER A 163 6.14 -21.89 -1.36
C SER A 163 6.85 -21.18 -0.22
N LEU A 164 7.15 -21.91 0.85
CA LEU A 164 7.91 -21.31 1.94
C LEU A 164 9.29 -20.92 1.43
N GLU A 165 9.88 -21.78 0.62
CA GLU A 165 11.19 -21.54 0.01
C GLU A 165 11.12 -20.32 -0.91
N GLU A 166 10.06 -20.25 -1.70
CA GLU A 166 9.82 -19.12 -2.60
C GLU A 166 9.73 -17.81 -1.83
N LYS A 167 8.95 -17.81 -0.76
CA LYS A 167 8.76 -16.60 0.03
C LYS A 167 10.05 -16.12 0.67
N ASP A 168 10.86 -17.03 1.20
N ASP A 168 10.84 -17.04 1.21
CA ASP A 168 12.13 -16.63 1.77
CA ASP A 168 12.14 -16.68 1.77
C ASP A 168 13.03 -16.00 0.72
C ASP A 168 13.02 -16.01 0.72
N HIS A 169 13.05 -16.60 -0.48
CA HIS A 169 13.82 -16.04 -1.59
C HIS A 169 13.36 -14.61 -1.93
N ILE A 170 12.06 -14.41 -2.03
CA ILE A 170 11.51 -13.10 -2.37
C ILE A 170 11.91 -12.07 -1.31
N HIS A 171 11.86 -12.46 -0.05
CA HIS A 171 12.23 -11.53 1.01
C HIS A 171 13.71 -11.17 0.95
N ARG A 172 14.54 -12.13 0.57
CA ARG A 172 15.98 -11.88 0.45
C ARG A 172 16.27 -10.91 -0.70
N VAL A 173 15.57 -11.08 -1.82
CA VAL A 173 15.76 -10.16 -2.94
C VAL A 173 15.23 -8.77 -2.55
N LEU A 174 14.09 -8.73 -1.88
CA LEU A 174 13.54 -7.45 -1.44
C LEU A 174 14.53 -6.74 -0.51
N ASP A 175 15.17 -7.48 0.39
CA ASP A 175 16.18 -6.89 1.28
C ASP A 175 17.36 -6.31 0.48
N LYS A 176 17.77 -7.02 -0.56
CA LYS A 176 18.84 -6.55 -1.42
C LYS A 176 18.46 -5.24 -2.10
N ILE A 177 17.20 -5.13 -2.52
CA ILE A 177 16.76 -3.88 -3.17
C ILE A 177 16.69 -2.74 -2.14
N THR A 178 16.33 -3.04 -0.89
CA THR A 178 16.45 -2.03 0.15
C THR A 178 17.91 -1.57 0.29
N ASP A 179 18.84 -2.53 0.30
CA ASP A 179 20.24 -2.17 0.41
C ASP A 179 20.64 -1.25 -0.74
N THR A 180 20.10 -1.55 -1.91
CA THR A 180 20.43 -0.81 -3.12
C THR A 180 19.91 0.62 -3.01
N LEU A 181 18.67 0.79 -2.57
CA LEU A 181 18.13 2.13 -2.38
C LEU A 181 19.00 2.93 -1.42
N ILE A 182 19.34 2.30 -0.30
CA ILE A 182 20.18 2.97 0.68
C ILE A 182 21.57 3.33 0.10
N HIS A 183 22.18 2.39 -0.64
CA HIS A 183 23.43 2.66 -1.34
C HIS A 183 23.33 3.88 -2.25
N LEU A 184 22.25 3.95 -3.02
CA LEU A 184 22.07 5.07 -3.95
C LEU A 184 22.00 6.39 -3.21
N MET A 185 21.26 6.40 -2.10
CA MET A 185 21.07 7.64 -1.36
C MET A 185 22.36 8.06 -0.66
N ALA A 186 23.13 7.09 -0.17
CA ALA A 186 24.41 7.38 0.46
C ALA A 186 25.36 7.98 -0.54
N LYS A 187 25.30 7.50 -1.78
CA LYS A 187 26.24 8.03 -2.77
C LYS A 187 25.72 9.39 -3.26
N ALA A 188 24.43 9.64 -3.09
CA ALA A 188 23.84 10.94 -3.42
C ALA A 188 24.20 12.00 -2.37
N GLY A 189 24.84 11.57 -1.29
CA GLY A 189 25.35 12.49 -0.29
C GLY A 189 24.41 12.74 0.88
N LEU A 190 23.35 11.95 0.97
CA LEU A 190 22.42 12.12 2.08
C LEU A 190 23.03 11.58 3.37
N THR A 191 22.67 12.20 4.48
CA THR A 191 23.06 11.69 5.78
C THR A 191 22.33 10.41 6.07
N LEU A 192 22.76 9.67 7.08
CA LEU A 192 22.08 8.44 7.46
C LEU A 192 20.63 8.74 7.80
N GLN A 193 20.38 9.84 8.51
CA GLN A 193 19.02 10.22 8.85
C GLN A 193 18.18 10.51 7.60
N GLN A 194 18.74 11.27 6.65
CA GLN A 194 18.03 11.59 5.43
C GLN A 194 17.79 10.32 4.61
N GLN A 195 18.72 9.38 4.68
CA GLN A 195 18.59 8.11 3.96
C GLN A 195 17.39 7.33 4.46
N HIS A 196 17.27 7.15 5.78
CA HIS A 196 16.12 6.41 6.33
C HIS A 196 14.83 7.13 6.05
N GLN A 197 14.85 8.47 6.17
CA GLN A 197 13.64 9.24 5.94
C GLN A 197 13.17 9.12 4.51
N ARG A 198 14.09 9.20 3.55
CA ARG A 198 13.72 9.10 2.15
C ARG A 198 13.33 7.67 1.77
N LEU A 199 14.01 6.69 2.35
CA LEU A 199 13.60 5.29 2.14
C LEU A 199 12.13 5.13 2.51
N ALA A 200 11.79 5.64 3.69
CA ALA A 200 10.41 5.58 4.17
C ALA A 200 9.44 6.32 3.24
N GLN A 201 9.80 7.53 2.84
CA GLN A 201 8.96 8.34 1.96
C GLN A 201 8.68 7.58 0.66
N LEU A 202 9.72 6.97 0.09
CA LEU A 202 9.55 6.22 -1.15
C LEU A 202 8.64 5.02 -0.99
N LEU A 203 8.81 4.27 0.10
CA LEU A 203 8.05 3.05 0.28
C LEU A 203 6.59 3.38 0.62
N LEU A 204 6.33 4.51 1.27
CA LEU A 204 4.94 4.88 1.52
C LEU A 204 4.18 5.24 0.24
N ILE A 205 4.87 5.69 -0.80
CA ILE A 205 4.24 5.96 -2.08
C ILE A 205 3.67 4.65 -2.65
N LEU A 206 4.33 3.53 -2.35
CA LEU A 206 3.82 2.25 -2.82
C LEU A 206 2.44 1.91 -2.25
N SER A 207 2.10 2.43 -1.05
CA SER A 207 0.77 2.22 -0.51
C SER A 207 -0.26 2.94 -1.38
N HIS A 208 0.11 4.14 -1.84
CA HIS A 208 -0.79 4.90 -2.70
C HIS A 208 -0.92 4.24 -4.06
N ILE A 209 0.16 3.67 -4.56
CA ILE A 209 0.10 2.98 -5.86
C ILE A 209 -0.81 1.77 -5.75
N ARG A 210 -0.73 1.05 -4.63
CA ARG A 210 -1.59 -0.10 -4.46
C ARG A 210 -3.04 0.36 -4.45
N HIS A 211 -3.29 1.47 -3.74
CA HIS A 211 -4.63 2.03 -3.65
C HIS A 211 -5.18 2.37 -5.04
N MET A 212 -4.34 3.03 -5.85
CA MET A 212 -4.73 3.40 -7.21
C MET A 212 -5.04 2.19 -8.07
N SER A 213 -4.24 1.14 -7.95
CA SER A 213 -4.50 -0.08 -8.70
CA SER A 213 -4.50 -0.07 -8.70
C SER A 213 -5.85 -0.71 -8.32
N ASN A 214 -6.18 -0.70 -7.03
CA ASN A 214 -7.45 -1.30 -6.66
C ASN A 214 -8.64 -0.47 -7.14
N LYS A 215 -8.53 0.84 -7.02
CA LYS A 215 -9.55 1.73 -7.53
C LYS A 215 -9.66 1.59 -9.04
N GLY A 216 -8.51 1.47 -9.71
CA GLY A 216 -8.51 1.36 -11.17
C GLY A 216 -9.11 0.05 -11.63
N MET A 217 -8.84 -1.01 -10.89
CA MET A 217 -9.41 -2.31 -11.22
C MET A 217 -10.94 -2.26 -11.14
N GLU A 218 -11.44 -1.63 -10.09
CA GLU A 218 -12.89 -1.44 -9.92
C GLU A 218 -13.45 -0.71 -11.12
N HIS A 219 -12.76 0.33 -11.54
CA HIS A 219 -13.21 1.15 -12.65
C HIS A 219 -13.22 0.36 -13.97
N LEU A 220 -12.11 -0.33 -14.26
CA LEU A 220 -12.03 -1.11 -15.49
C LEU A 220 -13.16 -2.15 -15.56
N TYR A 221 -13.42 -2.84 -14.45
CA TYR A 221 -14.49 -3.83 -14.40
C TYR A 221 -15.86 -3.21 -14.65
N SER A 222 -16.04 -1.98 -14.17
CA SER A 222 -17.35 -1.34 -14.31
C SER A 222 -17.66 -1.02 -15.78
N MET A 223 -16.64 -1.04 -16.63
CA MET A 223 -16.83 -0.66 -18.04
C MET A 223 -17.46 -1.74 -18.89
N LYS A 224 -17.54 -2.93 -18.33
CA LYS A 224 -18.24 -4.03 -18.96
C LYS A 224 -17.61 -4.54 -20.26
N SER A 225 -16.28 -4.56 -20.34
CA SER A 225 -15.60 -5.08 -21.51
C SER A 225 -15.41 -6.61 -21.38
N LYS A 226 -14.67 -7.24 -22.27
CA LYS A 226 -14.79 -8.65 -22.57
C LYS A 226 -13.88 -9.26 -21.50
N ASN A 227 -12.84 -8.49 -21.13
CA ASN A 227 -12.03 -8.82 -19.98
C ASN A 227 -11.24 -7.61 -19.47
N VAL A 228 -10.62 -7.75 -18.30
CA VAL A 228 -9.86 -6.66 -17.69
C VAL A 228 -8.45 -7.11 -17.34
N VAL A 229 -8.35 -8.23 -16.63
CA VAL A 229 -7.07 -8.72 -16.17
C VAL A 229 -6.47 -9.68 -17.20
N PRO A 230 -5.14 -9.69 -17.29
CA PRO A 230 -4.53 -10.75 -18.08
C PRO A 230 -4.78 -12.12 -17.43
N SER A 231 -5.30 -13.07 -18.19
CA SER A 231 -5.59 -14.40 -17.62
C SER A 231 -4.31 -15.11 -17.18
N TYR A 232 -4.47 -16.12 -16.34
CA TYR A 232 -3.36 -16.96 -15.92
C TYR A 232 -2.66 -17.55 -17.14
N ASP A 233 -3.46 -18.13 -18.04
CA ASP A 233 -2.93 -18.78 -19.23
C ASP A 233 -2.19 -17.81 -20.13
N LEU A 234 -2.69 -16.59 -20.23
CA LEU A 234 -2.05 -15.58 -21.05
C LEU A 234 -0.70 -15.21 -20.44
N LEU A 235 -0.68 -14.91 -19.15
CA LEU A 235 0.57 -14.60 -18.46
C LEU A 235 1.51 -15.79 -18.54
N LEU A 236 0.98 -16.98 -18.33
CA LEU A 236 1.76 -18.21 -18.42
C LEU A 236 2.40 -18.29 -19.80
N GLU A 237 1.59 -18.21 -20.84
CA GLU A 237 2.06 -18.29 -22.21
C GLU A 237 3.15 -17.26 -22.51
N MET A 238 2.97 -16.03 -22.04
CA MET A 238 4.02 -15.05 -22.27
C MET A 238 5.26 -15.37 -21.46
N LEU A 239 5.05 -15.88 -20.25
CA LEU A 239 6.16 -16.17 -19.34
C LEU A 239 6.79 -17.52 -19.64
N ASP A 240 5.93 -18.49 -19.98
CA ASP A 240 6.30 -19.90 -20.23
C ASP A 240 6.85 -20.02 -21.62
N ALA A 241 8.04 -19.47 -21.84
CA ALA A 241 8.66 -19.53 -23.14
C ALA A 241 9.33 -20.89 -23.33
N HIS A 242 9.44 -21.33 -24.58
CA HIS A 242 10.24 -22.52 -24.87
C HIS A 242 11.70 -22.12 -25.04
N LEU B 1 5.36 22.35 18.43
CA LEU B 1 5.80 21.93 19.76
C LEU B 1 5.89 20.41 19.83
N ALA B 2 5.02 19.74 19.09
CA ALA B 2 4.94 18.28 19.11
C ALA B 2 6.16 17.61 18.48
N LEU B 3 6.88 18.34 17.64
CA LEU B 3 8.02 17.79 16.92
C LEU B 3 9.30 17.84 17.75
N SER B 4 9.28 18.63 18.82
CA SER B 4 10.45 18.79 19.69
C SER B 4 10.65 17.57 20.60
N LEU B 5 9.73 16.62 20.56
CA LEU B 5 9.87 15.40 21.35
C LEU B 5 11.08 14.59 20.88
N THR B 6 11.71 13.87 21.80
CA THR B 6 12.75 12.93 21.43
C THR B 6 12.11 11.64 20.95
N ALA B 7 12.93 10.72 20.45
CA ALA B 7 12.39 9.45 19.98
C ALA B 7 11.75 8.70 21.14
N ASP B 8 12.43 8.68 22.29
CA ASP B 8 11.89 8.03 23.48
C ASP B 8 10.57 8.66 23.94
N GLN B 9 10.49 9.99 23.90
CA GLN B 9 9.26 10.70 24.27
C GLN B 9 8.11 10.39 23.30
N MET B 10 8.46 10.23 22.02
CA MET B 10 7.48 9.88 21.00
C MET B 10 6.91 8.50 21.27
N VAL B 11 7.80 7.55 21.55
CA VAL B 11 7.38 6.17 21.84
C VAL B 11 6.48 6.15 23.06
N SER B 12 6.94 6.78 24.13
CA SER B 12 6.15 6.81 25.36
C SER B 12 4.79 7.47 25.12
N ALA B 13 4.76 8.54 24.34
CA ALA B 13 3.49 9.22 24.05
C ALA B 13 2.53 8.31 23.29
N LEU B 14 3.06 7.59 22.30
CA LEU B 14 2.21 6.69 21.54
C LEU B 14 1.73 5.50 22.37
N LEU B 15 2.61 4.93 23.19
CA LEU B 15 2.19 3.82 24.03
C LEU B 15 1.08 4.24 25.01
N ASP B 16 1.21 5.45 25.57
CA ASP B 16 0.20 5.93 26.53
C ASP B 16 -1.14 6.23 25.85
N ALA B 17 -1.13 6.47 24.55
CA ALA B 17 -2.35 6.85 23.85
C ALA B 17 -3.15 5.64 23.39
N GLU B 18 -2.63 4.45 23.61
CA GLU B 18 -3.26 3.24 23.09
C GLU B 18 -4.72 3.10 23.57
N PRO B 19 -5.62 2.74 22.64
CA PRO B 19 -7.03 2.54 22.97
C PRO B 19 -7.26 1.23 23.71
N PRO B 20 -8.40 1.14 24.40
CA PRO B 20 -8.64 -0.10 25.13
C PRO B 20 -9.16 -1.19 24.21
N ILE B 21 -9.11 -2.43 24.69
N ILE B 21 -9.11 -2.43 24.70
CA ILE B 21 -9.70 -3.55 23.95
CA ILE B 21 -9.71 -3.55 24.00
C ILE B 21 -11.14 -3.74 24.42
C ILE B 21 -11.16 -3.70 24.44
N LEU B 22 -12.08 -3.66 23.47
CA LEU B 22 -13.51 -3.72 23.78
C LEU B 22 -14.05 -5.13 23.68
N TYR B 23 -15.21 -5.34 24.31
CA TYR B 23 -15.86 -6.64 24.26
C TYR B 23 -17.05 -6.59 23.34
N SER B 24 -17.32 -7.72 22.70
CA SER B 24 -18.51 -7.84 21.89
C SER B 24 -19.76 -7.77 22.76
N GLU B 25 -20.82 -7.17 22.21
CA GLU B 25 -22.09 -7.08 22.90
C GLU B 25 -23.03 -8.22 22.55
N TYR B 26 -23.09 -9.21 23.41
CA TYR B 26 -24.05 -10.29 23.26
C TYR B 26 -24.09 -11.07 24.57
N ASP B 27 -25.19 -11.75 24.82
CA ASP B 27 -25.34 -12.56 26.03
C ASP B 27 -24.67 -13.90 25.81
N PRO B 28 -23.58 -14.16 26.53
CA PRO B 28 -22.85 -15.41 26.37
C PRO B 28 -23.66 -16.59 26.88
N THR B 29 -24.82 -16.39 27.44
CA THR B 29 -25.67 -17.49 27.86
C THR B 29 -26.61 -17.96 26.74
N ARG B 30 -26.84 -17.09 25.76
CA ARG B 30 -27.79 -17.37 24.68
C ARG B 30 -27.10 -17.99 23.46
N PRO B 31 -27.89 -18.57 22.56
CA PRO B 31 -27.38 -19.25 21.37
C PRO B 31 -26.62 -18.32 20.43
N PHE B 32 -25.60 -18.86 19.76
CA PHE B 32 -24.70 -18.05 18.94
C PHE B 32 -25.16 -17.93 17.49
N SER B 36 -26.31 -12.87 14.64
CA SER B 36 -25.75 -12.34 13.40
C SER B 36 -24.28 -11.96 13.55
N MET B 37 -23.42 -12.63 12.80
CA MET B 37 -21.98 -12.33 12.84
C MET B 37 -21.68 -10.90 12.41
N MET B 38 -22.15 -10.49 11.23
CA MET B 38 -21.91 -9.13 10.77
C MET B 38 -22.51 -8.12 11.74
N GLY B 39 -23.65 -8.47 12.34
CA GLY B 39 -24.22 -7.63 13.38
C GLY B 39 -23.24 -7.37 14.51
N LEU B 40 -22.65 -8.45 15.04
CA LEU B 40 -21.68 -8.34 16.12
C LEU B 40 -20.47 -7.53 15.69
N LEU B 41 -19.97 -7.85 14.50
CA LEU B 41 -18.77 -7.18 14.01
C LEU B 41 -19.01 -5.68 13.79
N THR B 42 -20.15 -5.33 13.20
CA THR B 42 -20.49 -3.93 12.95
C THR B 42 -20.61 -3.16 14.26
N ASN B 43 -21.21 -3.78 15.27
CA ASN B 43 -21.39 -3.13 16.56
C ASN B 43 -20.03 -2.84 17.19
N LEU B 44 -19.14 -3.81 17.09
CA LEU B 44 -17.81 -3.71 17.63
C LEU B 44 -17.04 -2.63 16.90
N ALA B 45 -17.07 -2.68 15.57
CA ALA B 45 -16.35 -1.68 14.76
C ALA B 45 -16.79 -0.26 15.11
N ASP B 46 -18.09 -0.06 15.21
CA ASP B 46 -18.64 1.25 15.51
C ASP B 46 -18.20 1.75 16.88
N ARG B 47 -18.08 0.84 17.86
CA ARG B 47 -17.63 1.27 19.18
C ARG B 47 -16.12 1.54 19.18
N GLU B 48 -15.37 0.75 18.41
CA GLU B 48 -13.92 0.93 18.31
C GLU B 48 -13.57 2.28 17.71
N LEU B 49 -14.37 2.69 16.74
CA LEU B 49 -14.11 3.94 16.02
C LEU B 49 -14.03 5.12 16.98
N VAL B 50 -14.90 5.13 17.98
CA VAL B 50 -14.90 6.23 18.93
C VAL B 50 -13.56 6.32 19.68
N HIS B 51 -13.07 5.20 20.16
CA HIS B 51 -11.77 5.18 20.80
C HIS B 51 -10.62 5.50 19.84
N MET B 52 -10.79 5.16 18.56
CA MET B 52 -9.79 5.52 17.56
C MET B 52 -9.63 7.03 17.44
N ILE B 53 -10.74 7.77 17.45
CA ILE B 53 -10.65 9.22 17.31
C ILE B 53 -9.92 9.81 18.51
N ASN B 54 -10.19 9.24 19.69
CA ASN B 54 -9.51 9.76 20.87
C ASN B 54 -8.03 9.43 20.91
N TRP B 55 -7.66 8.30 20.31
CA TRP B 55 -6.24 7.94 20.13
C TRP B 55 -5.58 8.89 19.14
N ALA B 56 -6.28 9.16 18.05
CA ALA B 56 -5.74 10.01 16.99
C ALA B 56 -5.36 11.38 17.55
N LYS B 57 -6.18 11.91 18.45
CA LYS B 57 -5.91 13.22 19.02
C LYS B 57 -4.64 13.26 19.87
N ARG B 58 -4.11 12.07 20.22
CA ARG B 58 -2.92 12.00 21.06
C ARG B 58 -1.67 11.65 20.27
N VAL B 59 -1.82 11.37 18.98
CA VAL B 59 -0.67 11.17 18.13
C VAL B 59 0.01 12.52 17.94
N PRO B 60 1.26 12.67 18.41
CA PRO B 60 1.94 13.96 18.34
C PRO B 60 1.87 14.58 16.95
N GLY B 61 1.40 15.82 16.89
CA GLY B 61 1.31 16.53 15.63
C GLY B 61 -0.06 16.52 14.98
N PHE B 62 -0.88 15.53 15.33
CA PHE B 62 -2.17 15.42 14.67
C PHE B 62 -3.09 16.62 14.89
N VAL B 63 -3.21 17.09 16.14
CA VAL B 63 -4.14 18.19 16.40
C VAL B 63 -3.63 19.58 15.98
N ASP B 64 -2.41 19.65 15.45
CA ASP B 64 -1.94 20.89 14.84
C ASP B 64 -2.57 21.13 13.47
N LEU B 65 -3.15 20.07 12.91
CA LEU B 65 -3.90 20.20 11.66
C LEU B 65 -5.25 20.87 11.88
N THR B 66 -5.80 21.46 10.82
CA THR B 66 -7.17 21.96 10.88
C THR B 66 -8.11 20.78 11.18
N LEU B 67 -9.26 21.09 11.77
CA LEU B 67 -10.23 20.04 12.07
C LEU B 67 -10.68 19.39 10.77
N HIS B 68 -10.81 20.19 9.73
CA HIS B 68 -11.18 19.71 8.42
C HIS B 68 -10.19 18.63 7.95
N ASP B 69 -8.90 18.90 8.12
CA ASP B 69 -7.89 17.94 7.67
C ASP B 69 -7.78 16.73 8.59
N GLN B 70 -8.02 16.94 9.89
CA GLN B 70 -8.07 15.81 10.82
C GLN B 70 -9.16 14.84 10.39
N VAL B 71 -10.33 15.38 10.06
CA VAL B 71 -11.44 14.54 9.63
C VAL B 71 -11.09 13.81 8.33
N HIS B 72 -10.50 14.51 7.38
CA HIS B 72 -10.13 13.89 6.11
C HIS B 72 -9.17 12.72 6.31
N LEU B 73 -8.18 12.90 7.16
CA LEU B 73 -7.26 11.80 7.45
C LEU B 73 -7.98 10.60 8.07
N LEU B 74 -8.90 10.83 9.00
CA LEU B 74 -9.65 9.75 9.61
C LEU B 74 -10.55 9.06 8.60
N GLU B 75 -11.16 9.85 7.71
CA GLU B 75 -11.99 9.28 6.65
C GLU B 75 -11.21 8.29 5.80
N SER B 76 -9.97 8.64 5.52
CA SER B 76 -9.13 7.79 4.69
C SER B 76 -8.56 6.59 5.41
N ALA B 77 -8.28 6.74 6.68
CA ALA B 77 -7.52 5.71 7.40
C ALA B 77 -8.31 4.74 8.29
N TRP B 78 -9.57 5.04 8.60
CA TRP B 78 -10.23 4.36 9.72
C TRP B 78 -10.26 2.83 9.54
N LEU B 79 -10.51 2.32 8.34
CA LEU B 79 -10.64 0.86 8.18
C LEU B 79 -9.26 0.19 8.25
N GLU B 80 -8.26 0.81 7.63
CA GLU B 80 -6.88 0.38 7.81
C GLU B 80 -6.47 0.30 9.27
N ILE B 81 -6.85 1.30 10.06
CA ILE B 81 -6.50 1.32 11.48
C ILE B 81 -7.25 0.24 12.27
N LEU B 82 -8.53 0.04 11.94
CA LEU B 82 -9.26 -1.08 12.54
C LEU B 82 -8.57 -2.39 12.22
N MET B 83 -8.16 -2.54 10.96
CA MET B 83 -7.54 -3.77 10.54
C MET B 83 -6.20 -4.02 11.21
N ILE B 84 -5.31 -3.03 11.26
CA ILE B 84 -3.99 -3.30 11.84
C ILE B 84 -4.15 -3.59 13.35
N GLY B 85 -5.08 -2.91 14.03
CA GLY B 85 -5.33 -3.25 15.43
C GLY B 85 -5.84 -4.65 15.62
N LEU B 86 -6.71 -5.10 14.72
CA LEU B 86 -7.22 -6.48 14.80
C LEU B 86 -6.08 -7.50 14.58
N VAL B 87 -5.26 -7.26 13.59
CA VAL B 87 -4.13 -8.13 13.32
C VAL B 87 -3.16 -8.16 14.50
N TRP B 88 -2.91 -7.02 15.11
CA TRP B 88 -2.02 -6.93 16.26
C TRP B 88 -2.52 -7.78 17.44
N ARG B 89 -3.78 -7.65 17.80
CA ARG B 89 -4.26 -8.43 18.94
C ARG B 89 -4.50 -9.90 18.60
N SER B 90 -4.44 -10.23 17.30
CA SER B 90 -4.61 -11.61 16.86
C SER B 90 -3.27 -12.34 16.69
N MET B 91 -2.18 -11.64 16.92
CA MET B 91 -0.85 -12.16 16.63
C MET B 91 -0.50 -13.44 17.36
N GLU B 92 -0.89 -13.52 18.63
CA GLU B 92 -0.59 -14.69 19.44
C GLU B 92 -1.69 -15.75 19.37
N HIS B 93 -2.51 -15.66 18.34
CA HIS B 93 -3.59 -16.63 18.17
C HIS B 93 -3.62 -17.17 16.74
N PRO B 94 -2.65 -18.02 16.39
CA PRO B 94 -2.56 -18.51 15.02
C PRO B 94 -3.87 -19.13 14.51
N GLY B 95 -4.23 -18.77 13.28
CA GLY B 95 -5.42 -19.30 12.63
C GLY B 95 -6.70 -18.60 13.03
N LYS B 96 -6.61 -17.65 13.96
CA LYS B 96 -7.82 -17.00 14.47
C LYS B 96 -7.73 -15.48 14.51
N LEU B 97 -8.90 -14.85 14.41
CA LEU B 97 -8.99 -13.41 14.51
C LEU B 97 -9.67 -13.01 15.81
N LEU B 98 -8.94 -12.30 16.66
CA LEU B 98 -9.48 -11.92 17.97
C LEU B 98 -10.21 -10.59 17.84
N PHE B 99 -11.43 -10.63 17.32
CA PHE B 99 -12.17 -9.38 17.17
C PHE B 99 -12.40 -8.77 18.54
N ALA B 100 -12.67 -9.64 19.51
CA ALA B 100 -12.78 -9.26 20.91
C ALA B 100 -12.33 -10.46 21.73
N PRO B 101 -12.00 -10.26 23.02
CA PRO B 101 -11.61 -11.40 23.88
C PRO B 101 -12.70 -12.46 23.95
N ASN B 102 -13.95 -12.02 23.80
CA ASN B 102 -15.09 -12.94 23.77
C ASN B 102 -15.59 -13.17 22.35
N LEU B 103 -14.74 -12.92 21.35
CA LEU B 103 -15.13 -13.11 19.97
C LEU B 103 -13.91 -13.44 19.12
N LEU B 104 -13.41 -14.65 19.33
CA LEU B 104 -12.30 -15.23 18.56
C LEU B 104 -12.88 -16.08 17.43
N LEU B 105 -12.66 -15.66 16.18
CA LEU B 105 -13.20 -16.42 15.06
C LEU B 105 -12.11 -17.03 14.18
N ASP B 106 -12.36 -18.22 13.65
CA ASP B 106 -11.45 -18.86 12.69
C ASP B 106 -12.01 -18.69 11.29
N ARG B 107 -11.28 -19.16 10.27
CA ARG B 107 -11.67 -18.87 8.89
C ARG B 107 -12.95 -19.63 8.51
N ASN B 108 -13.19 -20.78 9.14
CA ASN B 108 -14.43 -21.48 8.87
C ASN B 108 -15.65 -20.67 9.28
N GLN B 109 -15.55 -19.98 10.42
CA GLN B 109 -16.65 -19.11 10.86
C GLN B 109 -16.81 -17.93 9.92
N GLY B 110 -15.71 -17.46 9.35
CA GLY B 110 -15.75 -16.38 8.38
C GLY B 110 -16.49 -16.76 7.11
N LYS B 111 -16.60 -18.05 6.83
CA LYS B 111 -17.26 -18.50 5.61
C LYS B 111 -18.78 -18.38 5.72
N SER B 112 -19.26 -18.07 6.91
CA SER B 112 -20.69 -17.95 7.18
C SER B 112 -21.28 -16.71 6.52
N VAL B 113 -20.41 -15.80 6.09
CA VAL B 113 -20.85 -14.61 5.38
C VAL B 113 -20.20 -14.58 4.01
N GLU B 114 -21.02 -14.38 2.97
CA GLU B 114 -20.50 -14.42 1.60
C GLU B 114 -19.42 -13.36 1.41
N GLY B 115 -18.35 -13.73 0.70
CA GLY B 115 -17.27 -12.80 0.40
C GLY B 115 -16.36 -12.52 1.58
N MET B 116 -16.68 -13.07 2.75
CA MET B 116 -15.95 -12.77 3.96
C MET B 116 -14.64 -13.55 4.13
N VAL B 117 -14.64 -14.82 3.73
CA VAL B 117 -13.47 -15.66 4.01
C VAL B 117 -12.21 -15.14 3.27
N GLU B 118 -12.38 -14.53 2.10
CA GLU B 118 -11.25 -13.98 1.38
C GLU B 118 -10.55 -12.89 2.19
N ILE B 119 -11.33 -12.08 2.89
CA ILE B 119 -10.74 -11.00 3.67
C ILE B 119 -10.19 -11.54 4.98
N PHE B 120 -10.91 -12.50 5.60
CA PHE B 120 -10.37 -13.20 6.75
C PHE B 120 -8.96 -13.76 6.45
N ASP B 121 -8.81 -14.39 5.29
CA ASP B 121 -7.53 -15.03 4.96
C ASP B 121 -6.40 -14.01 4.84
N MET B 122 -6.70 -12.85 4.26
CA MET B 122 -5.70 -11.80 4.17
C MET B 122 -5.31 -11.28 5.55
N LEU B 123 -6.28 -11.14 6.44
CA LEU B 123 -6.00 -10.67 7.78
C LEU B 123 -5.16 -11.67 8.55
N LEU B 124 -5.50 -12.95 8.42
CA LEU B 124 -4.74 -14.01 9.06
C LEU B 124 -3.30 -14.07 8.57
N ALA B 125 -3.11 -13.95 7.27
CA ALA B 125 -1.76 -13.88 6.68
C ALA B 125 -0.95 -12.71 7.21
N THR B 126 -1.62 -11.58 7.48
CA THR B 126 -0.92 -10.41 7.98
C THR B 126 -0.50 -10.67 9.43
N SER B 127 -1.39 -11.29 10.19
CA SER B 127 -1.09 -11.58 11.57
C SER B 127 0.07 -12.58 11.67
N SER B 128 0.08 -13.54 10.76
CA SER B 128 1.18 -14.52 10.66
C SER B 128 2.50 -13.86 10.30
N ARG B 129 2.44 -12.90 9.38
CA ARG B 129 3.60 -12.12 9.01
C ARG B 129 4.12 -11.33 10.21
N PHE B 130 3.21 -10.69 10.94
CA PHE B 130 3.59 -10.00 12.17
C PHE B 130 4.30 -10.93 13.15
N ARG B 131 3.72 -12.11 13.37
CA ARG B 131 4.26 -13.10 14.29
C ARG B 131 5.67 -13.52 13.87
N MET B 132 5.87 -13.72 12.57
CA MET B 132 7.16 -14.17 12.04
C MET B 132 8.24 -13.10 12.19
N MET B 133 7.85 -11.83 12.04
CA MET B 133 8.76 -10.72 12.20
C MET B 133 8.98 -10.36 13.66
N ASN B 134 8.19 -10.99 14.53
CA ASN B 134 8.19 -10.66 15.95
C ASN B 134 8.02 -9.15 16.15
N LEU B 135 7.01 -8.61 15.48
CA LEU B 135 6.66 -7.20 15.63
C LEU B 135 6.50 -6.81 17.09
N GLN B 136 7.16 -5.73 17.49
CA GLN B 136 7.09 -5.25 18.87
C GLN B 136 5.99 -4.21 19.04
N GLY B 137 5.47 -4.04 20.25
CA GLY B 137 4.41 -3.09 20.47
C GLY B 137 4.80 -1.67 20.10
N GLU B 138 6.06 -1.34 20.38
CA GLU B 138 6.59 -0.01 20.08
C GLU B 138 6.61 0.22 18.56
N GLU B 139 6.94 -0.83 17.81
CA GLU B 139 6.89 -0.73 16.34
C GLU B 139 5.43 -0.59 15.87
N PHE B 140 4.54 -1.39 16.45
CA PHE B 140 3.14 -1.38 16.07
C PHE B 140 2.50 0.02 16.21
N VAL B 141 2.74 0.69 17.33
CA VAL B 141 2.09 1.99 17.52
C VAL B 141 2.67 3.02 16.53
N CYS B 142 3.95 2.87 16.14
CA CYS B 142 4.54 3.72 15.11
C CYS B 142 3.86 3.47 13.77
N LEU B 143 3.68 2.19 13.43
CA LEU B 143 3.03 1.85 12.17
C LEU B 143 1.59 2.37 12.08
N LYS B 144 0.85 2.24 13.17
CA LYS B 144 -0.53 2.69 13.19
C LYS B 144 -0.59 4.21 13.00
N SER B 145 0.36 4.91 13.60
CA SER B 145 0.42 6.37 13.45
C SER B 145 0.77 6.77 12.02
N ILE B 146 1.62 5.98 11.37
CA ILE B 146 1.96 6.26 9.98
C ILE B 146 0.72 6.12 9.09
N ILE B 147 -0.07 5.07 9.28
CA ILE B 147 -1.32 4.90 8.53
C ILE B 147 -2.23 6.12 8.66
N LEU B 148 -2.39 6.59 9.90
CA LEU B 148 -3.21 7.78 10.16
C LEU B 148 -2.73 8.99 9.36
N LEU B 149 -1.42 9.23 9.33
CA LEU B 149 -0.94 10.45 8.68
C LEU B 149 -0.76 10.28 7.19
N ASN B 150 -0.53 9.06 6.75
CA ASN B 150 -0.16 8.81 5.35
C ASN B 150 -1.34 8.47 4.45
N SER B 151 -2.39 7.87 4.99
CA SER B 151 -3.40 7.28 4.12
C SER B 151 -4.15 8.31 3.30
N GLY B 152 -4.33 9.50 3.85
CA GLY B 152 -5.10 10.53 3.17
C GLY B 152 -4.30 11.66 2.56
N VAL B 153 -2.97 11.56 2.59
CA VAL B 153 -2.13 12.70 2.21
C VAL B 153 -2.11 12.98 0.71
N TYR B 154 -2.66 12.08 -0.11
CA TYR B 154 -2.75 12.34 -1.56
C TYR B 154 -4.06 13.00 -1.97
N THR B 155 -4.84 13.46 -1.00
CA THR B 155 -5.93 14.40 -1.29
C THR B 155 -5.82 15.63 -0.41
N LEU B 164 0.03 23.53 1.18
CA LEU B 164 1.46 23.25 1.24
C LEU B 164 1.92 23.11 2.69
N GLU B 165 1.43 24.00 3.55
CA GLU B 165 1.81 24.01 4.96
C GLU B 165 1.34 22.76 5.69
N GLU B 166 0.07 22.41 5.52
CA GLU B 166 -0.51 21.24 6.17
C GLU B 166 0.20 19.95 5.77
N LYS B 167 0.46 19.79 4.47
CA LYS B 167 1.13 18.57 4.00
C LYS B 167 2.58 18.57 4.43
N ASP B 168 3.20 19.74 4.48
CA ASP B 168 4.57 19.82 4.98
C ASP B 168 4.64 19.39 6.45
N HIS B 169 3.66 19.82 7.24
CA HIS B 169 3.59 19.40 8.63
C HIS B 169 3.42 17.89 8.73
N ILE B 170 2.48 17.35 7.96
CA ILE B 170 2.25 15.90 7.93
C ILE B 170 3.55 15.17 7.60
N HIS B 171 4.33 15.67 6.65
CA HIS B 171 5.54 14.95 6.28
C HIS B 171 6.64 15.09 7.34
N ARG B 172 6.66 16.21 8.04
CA ARG B 172 7.59 16.37 9.15
C ARG B 172 7.31 15.36 10.25
N VAL B 173 6.03 15.16 10.57
CA VAL B 173 5.64 14.19 11.59
C VAL B 173 5.97 12.78 11.14
N LEU B 174 5.66 12.46 9.89
CA LEU B 174 6.00 11.14 9.33
C LEU B 174 7.51 10.90 9.40
N ASP B 175 8.32 11.90 9.06
CA ASP B 175 9.78 11.77 9.19
C ASP B 175 10.19 11.51 10.64
N LYS B 176 9.51 12.17 11.58
CA LYS B 176 9.75 11.97 13.01
C LYS B 176 9.50 10.52 13.42
N ILE B 177 8.45 9.92 12.85
CA ILE B 177 8.10 8.54 13.21
C ILE B 177 9.10 7.56 12.60
N THR B 178 9.57 7.85 11.38
CA THR B 178 10.65 7.07 10.78
C THR B 178 11.87 7.08 11.70
N ASP B 179 12.27 8.28 12.14
CA ASP B 179 13.39 8.43 13.07
C ASP B 179 13.20 7.58 14.31
N THR B 180 11.97 7.59 14.82
CA THR B 180 11.61 6.88 16.02
C THR B 180 11.73 5.37 15.83
N LEU B 181 11.19 4.86 14.72
CA LEU B 181 11.31 3.44 14.36
C LEU B 181 12.77 3.00 14.29
N ILE B 182 13.60 3.77 13.59
CA ILE B 182 15.02 3.45 13.47
C ILE B 182 15.67 3.45 14.85
N HIS B 183 15.27 4.39 15.70
CA HIS B 183 15.80 4.49 17.07
C HIS B 183 15.49 3.24 17.87
N LEU B 184 14.25 2.77 17.78
CA LEU B 184 13.82 1.54 18.45
C LEU B 184 14.67 0.35 18.01
N MET B 185 14.88 0.24 16.70
CA MET B 185 15.61 -0.90 16.15
C MET B 185 17.08 -0.82 16.56
N ALA B 186 17.63 0.38 16.56
CA ALA B 186 19.00 0.58 17.02
C ALA B 186 19.13 0.14 18.48
N LYS B 187 18.16 0.53 19.31
CA LYS B 187 18.17 0.10 20.70
C LYS B 187 18.03 -1.41 20.83
N ALA B 188 17.26 -2.02 19.95
CA ALA B 188 17.08 -3.48 19.96
C ALA B 188 18.37 -4.21 19.61
N GLY B 189 19.38 -3.49 19.13
CA GLY B 189 20.67 -4.07 18.82
C GLY B 189 20.91 -4.42 17.35
N LEU B 190 19.99 -4.01 16.47
CA LEU B 190 20.14 -4.28 15.05
C LEU B 190 21.26 -3.45 14.44
N THR B 191 21.97 -4.04 13.49
CA THR B 191 22.98 -3.29 12.73
C THR B 191 22.28 -2.27 11.85
N LEU B 192 23.04 -1.30 11.33
CA LEU B 192 22.47 -0.31 10.42
C LEU B 192 21.79 -1.00 9.24
N GLN B 193 22.43 -2.01 8.67
CA GLN B 193 21.82 -2.74 7.55
C GLN B 193 20.53 -3.42 7.95
N GLN B 194 20.52 -4.07 9.10
CA GLN B 194 19.30 -4.68 9.61
C GLN B 194 18.22 -3.64 9.91
N GLN B 195 18.64 -2.45 10.31
CA GLN B 195 17.68 -1.41 10.62
C GLN B 195 16.91 -0.98 9.36
N HIS B 196 17.62 -0.70 8.27
CA HIS B 196 16.91 -0.22 7.11
CA HIS B 196 16.98 -0.25 7.04
C HIS B 196 16.14 -1.36 6.45
N GLN B 197 16.65 -2.59 6.54
CA GLN B 197 15.92 -3.74 6.00
C GLN B 197 14.60 -3.94 6.74
N ARG B 198 14.64 -3.86 8.06
CA ARG B 198 13.43 -4.03 8.86
C ARG B 198 12.46 -2.88 8.66
N LEU B 199 12.97 -1.64 8.57
CA LEU B 199 12.10 -0.50 8.27
C LEU B 199 11.33 -0.77 6.96
N ALA B 200 12.04 -1.22 5.94
CA ALA B 200 11.39 -1.46 4.66
C ALA B 200 10.36 -2.59 4.75
N GLN B 201 10.70 -3.68 5.44
CA GLN B 201 9.77 -4.78 5.61
C GLN B 201 8.46 -4.33 6.25
N LEU B 202 8.56 -3.52 7.29
CA LEU B 202 7.38 -3.01 7.99
C LEU B 202 6.56 -2.10 7.08
N LEU B 203 7.22 -1.23 6.31
CA LEU B 203 6.47 -0.30 5.49
C LEU B 203 5.82 -1.01 4.29
N LEU B 204 6.41 -2.10 3.83
CA LEU B 204 5.79 -2.85 2.75
C LEU B 204 4.51 -3.55 3.26
N ILE B 205 4.49 -3.98 4.52
CA ILE B 205 3.27 -4.55 5.08
C ILE B 205 2.13 -3.51 5.05
N LEU B 206 2.45 -2.22 5.22
CA LEU B 206 1.43 -1.19 5.12
C LEU B 206 0.75 -1.15 3.74
N SER B 207 1.46 -1.48 2.67
CA SER B 207 0.80 -1.54 1.36
C SER B 207 -0.18 -2.71 1.30
N HIS B 208 0.13 -3.79 2.00
CA HIS B 208 -0.83 -4.89 2.08
C HIS B 208 -2.05 -4.51 2.94
N ILE B 209 -1.82 -3.74 4.01
CA ILE B 209 -2.95 -3.28 4.83
C ILE B 209 -3.84 -2.35 4.00
N ARG B 210 -3.24 -1.51 3.16
CA ARG B 210 -4.03 -0.67 2.28
C ARG B 210 -4.85 -1.54 1.31
N HIS B 211 -4.22 -2.57 0.76
CA HIS B 211 -4.88 -3.51 -0.11
C HIS B 211 -6.11 -4.12 0.58
N MET B 212 -5.90 -4.59 1.80
CA MET B 212 -6.98 -5.22 2.56
C MET B 212 -8.10 -4.25 2.83
N SER B 213 -7.77 -3.00 3.16
CA SER B 213 -8.81 -2.00 3.37
CA SER B 213 -8.83 -2.02 3.39
C SER B 213 -9.61 -1.74 2.10
N ASN B 214 -8.93 -1.73 0.95
CA ASN B 214 -9.61 -1.54 -0.33
C ASN B 214 -10.59 -2.69 -0.60
N LYS B 215 -10.09 -3.92 -0.46
CA LYS B 215 -10.93 -5.08 -0.69
C LYS B 215 -12.03 -5.17 0.35
N GLY B 216 -11.72 -4.77 1.58
CA GLY B 216 -12.71 -4.77 2.65
C GLY B 216 -13.84 -3.79 2.38
N MET B 217 -13.49 -2.61 1.89
N MET B 217 -13.48 -2.61 1.89
CA MET B 217 -14.51 -1.61 1.57
CA MET B 217 -14.45 -1.58 1.54
C MET B 217 -15.42 -2.07 0.46
C MET B 217 -15.39 -2.08 0.47
N GLU B 218 -14.83 -2.69 -0.57
CA GLU B 218 -15.61 -3.27 -1.65
C GLU B 218 -16.59 -4.30 -1.06
N HIS B 219 -16.08 -5.16 -0.18
CA HIS B 219 -16.91 -6.19 0.43
C HIS B 219 -18.02 -5.58 1.29
N LEU B 220 -17.69 -4.56 2.07
CA LEU B 220 -18.69 -3.95 2.94
C LEU B 220 -19.78 -3.28 2.10
N TYR B 221 -19.39 -2.60 1.02
CA TYR B 221 -20.37 -1.95 0.15
C TYR B 221 -21.28 -2.98 -0.53
N SER B 222 -20.72 -4.14 -0.85
CA SER B 222 -21.45 -5.17 -1.58
C SER B 222 -22.60 -5.72 -0.74
N MET B 223 -22.49 -5.58 0.58
CA MET B 223 -23.52 -6.05 1.48
C MET B 223 -24.77 -5.18 1.41
N LYS B 224 -24.64 -3.97 0.86
CA LYS B 224 -25.78 -3.06 0.71
C LYS B 224 -26.44 -2.73 2.05
N SER B 225 -25.63 -2.59 3.10
CA SER B 225 -26.13 -2.20 4.40
C SER B 225 -26.45 -0.70 4.42
N LYS B 226 -26.92 -0.21 5.56
CA LYS B 226 -27.39 1.16 5.70
C LYS B 226 -26.34 2.18 5.33
N ASN B 227 -25.10 1.92 5.73
CA ASN B 227 -23.99 2.82 5.48
C ASN B 227 -22.65 2.15 5.76
N VAL B 228 -21.58 2.64 5.17
CA VAL B 228 -20.28 2.03 5.43
C VAL B 228 -19.31 2.99 6.11
N VAL B 229 -19.05 4.11 5.46
CA VAL B 229 -18.07 5.07 5.96
C VAL B 229 -18.69 5.99 6.99
N PRO B 230 -17.91 6.40 7.99
CA PRO B 230 -18.38 7.40 8.95
C PRO B 230 -18.48 8.76 8.27
N SER B 231 -19.58 9.47 8.50
CA SER B 231 -19.77 10.77 7.87
C SER B 231 -18.76 11.79 8.41
N TYR B 232 -18.55 12.86 7.64
CA TYR B 232 -17.75 13.99 8.09
C TYR B 232 -18.26 14.48 9.43
N ASP B 233 -19.58 14.61 9.56
CA ASP B 233 -20.17 15.19 10.78
C ASP B 233 -20.01 14.26 11.98
N LEU B 234 -20.09 12.95 11.76
CA LEU B 234 -19.88 12.00 12.83
C LEU B 234 -18.45 12.11 13.37
N LEU B 235 -17.46 12.08 12.47
CA LEU B 235 -16.06 12.19 12.85
C LEU B 235 -15.80 13.51 13.55
N LEU B 236 -16.33 14.61 13.01
CA LEU B 236 -16.18 15.92 13.62
C LEU B 236 -16.80 15.97 15.03
N GLU B 237 -17.99 15.41 15.20
CA GLU B 237 -18.58 15.39 16.52
C GLU B 237 -17.71 14.61 17.52
N MET B 238 -17.14 13.47 17.07
CA MET B 238 -16.29 12.66 17.94
C MET B 238 -15.00 13.39 18.32
N LEU B 239 -14.52 14.25 17.41
CA LEU B 239 -13.30 15.02 17.70
C LEU B 239 -13.52 16.04 18.82
N ASP B 240 -14.79 16.39 19.06
CA ASP B 240 -15.16 17.23 20.21
C ASP B 240 -14.41 18.57 20.22
N ALA B 241 -14.67 19.36 19.18
CA ALA B 241 -13.96 20.62 18.94
C ALA B 241 -14.07 21.60 20.10
N HIS B 242 -12.95 22.26 20.41
CA HIS B 242 -12.94 23.29 21.44
C HIS B 242 -12.89 24.68 20.82
CBD 86Y C . -6.43 -6.66 -21.20
CBE 86Y C . -5.08 -7.27 -21.06
CBH 86Y C . -5.19 -8.80 -20.88
CBF 86Y C . -4.46 -6.65 -19.89
CBG 86Y C . -5.15 -5.31 -19.79
NBC 86Y C . -6.15 -5.31 -20.86
CBB 86Y C . -7.34 -4.69 -20.48
CBA 86Y C . -7.21 -3.19 -20.54
OAZ 86Y C . -6.60 -2.77 -19.34
CAW 86Y C . -6.31 -1.39 -19.27
CAX 86Y C . -6.99 -0.41 -20.21
CAY 86Y C . -6.70 0.91 -20.13
CAV 86Y C . -5.41 -0.93 -18.33
CAU 86Y C . -5.09 0.55 -18.24
CAT 86Y C . -5.69 1.43 -19.09
CAH 86Y C . -5.46 2.83 -19.07
OAG 86Y C . -4.39 3.12 -19.85
CAE 86Y C . -3.13 2.94 -19.55
CAD 86Y C . -2.27 2.60 -20.57
CAC 86Y C . -0.88 2.38 -20.22
OAL 86Y C . 0.01 2.05 -21.28
CAB 86Y C . -0.41 2.48 -19.00
CAA 86Y C . -1.37 2.82 -17.92
CAF 86Y C . -2.70 3.02 -18.24
CAJ 86Y C . -3.60 3.34 -17.24
CAK 86Y C . -3.14 3.67 -15.80
CAI 86Y C . -4.99 3.22 -17.57
CAM 86Y C . -6.14 3.14 -16.56
CAN 86Y C . -6.10 2.34 -15.48
CAO 86Y C . -7.28 2.25 -14.54
CAP 86Y C . -8.37 2.96 -14.85
OAS 86Y C . -9.50 2.91 -14.04
CAQ 86Y C . -8.45 3.80 -16.09
CAR 86Y C . -7.38 3.88 -16.91
CBD 86Y D . -20.34 2.45 10.11
CBE 86Y D . -19.60 3.34 11.05
CBH 86Y D . -19.99 4.82 10.82
CBF 86Y D . -18.18 3.08 10.82
CBG 86Y D . -18.16 1.66 10.31
NBC 86Y D . -19.58 1.25 10.26
CBB 86Y D . -19.89 0.41 9.20
CBA 86Y D . -19.51 -1.03 9.44
OAZ 86Y D . -18.12 -1.12 9.22
CAW 86Y D . -17.52 -2.32 9.57
CAX 86Y D . -18.37 -3.55 9.87
CAY 86Y D . -17.78 -4.71 10.21
CAV 86Y D . -16.15 -2.39 9.64
CAU 86Y D . -15.46 -3.70 10.03
CAT 86Y D . -16.23 -4.81 10.30
CAH 86Y D . -15.67 -6.06 10.65
OAG 86Y D . -15.35 -6.07 11.96
CAE 86Y D . -14.34 -5.53 12.59
CAD 86Y D . -14.53 -5.08 13.90
CAC 86Y D . -13.38 -4.46 14.59
OAL 86Y D . -13.54 -4.00 15.91
CAB 86Y D . -12.23 -4.31 13.98
CAA 86Y D . -12.07 -4.81 12.57
CAF 86Y D . -13.15 -5.37 11.94
CAJ 86Y D . -13.02 -5.82 10.63
CAK 86Y D . -11.64 -5.93 9.94
CAI 86Y D . -14.22 -6.15 9.92
CAM 86Y D . -14.35 -6.33 8.42
CAN 86Y D . -13.83 -5.42 7.55
CAO 86Y D . -14.01 -5.61 6.06
CAP 86Y D . -14.72 -6.66 5.63
OAS 86Y D . -14.91 -6.87 4.27
CAQ 86Y D . -15.31 -7.66 6.59
CAR 86Y D . -15.15 -7.50 7.91
#